data_3FN4
#
_entry.id   3FN4
#
_cell.length_a   80.660
_cell.length_b   66.089
_cell.length_c   75.551
_cell.angle_alpha   90.000
_cell.angle_beta   104.130
_cell.angle_gamma   90.000
#
_symmetry.space_group_name_H-M   'C 1 2 1'
#
loop_
_entity.id
_entity.type
_entity.pdbx_description
1 polymer 'NAD-dependent formate dehydrogenase'
2 non-polymer GLYCEROL
3 non-polymer 'SULFATE ION'
4 water water
#
_entity_poly.entity_id   1
_entity_poly.type   'polypeptide(L)'
_entity_poly.pdbx_seq_one_letter_code
;AKVVCVLYDDPINGYPTSYARDDLPRIDKYPDGQTLPTPKAIDFTPGALLGSVSGELGLRKYLESQGHELVVTSSKDGPD
SELEKHLHDAEVIISQPFWPAYLTAERIAKAPKLKLALTAGIGSDHVDLQAAIDNNITVAEVTYCNSNSVAEHVVMMVLG
LVRNYIPSHDWARNGGWNIADCVARSYDVEGMHVGTVAAGRIGLRVLRLLAPFDMHLHYTDRHRLPEAVEKELNLTWHAT
REDMYGACDVVTLNCPLHPETEHMINDETLKLFKRGAYLVNTARGKLCDRDAIVRALESGRLAGYAGDVWFPQPAPNDHP
WRTMPHNGMTPHISGTSLSAQTRYAAGTREILECYFEGRPIRDEYLIVQGGGLAGVGAHSYSKGNATGGSEEAAKYEKLD
A
;
_entity_poly.pdbx_strand_id   A
#
# COMPACT_ATOMS: atom_id res chain seq x y z
N ALA A 1 -0.53 18.96 -22.94
CA ALA A 1 0.32 19.13 -21.72
C ALA A 1 1.33 18.01 -21.58
N LYS A 2 2.28 18.16 -20.67
CA LYS A 2 3.15 17.02 -20.35
C LYS A 2 2.69 16.13 -19.13
N VAL A 3 2.65 14.80 -19.31
CA VAL A 3 2.38 13.86 -18.23
C VAL A 3 3.68 13.07 -17.92
N VAL A 4 4.22 13.18 -16.70
CA VAL A 4 5.30 12.28 -16.24
C VAL A 4 4.69 11.10 -15.47
N CYS A 5 5.01 9.89 -15.93
CA CYS A 5 4.51 8.68 -15.38
C CYS A 5 5.68 7.87 -14.87
N VAL A 6 5.78 7.76 -13.56
CA VAL A 6 6.84 7.04 -12.93
C VAL A 6 6.38 5.62 -12.62
N LEU A 7 7.07 4.64 -13.20
CA LEU A 7 6.70 3.22 -13.09
C LEU A 7 7.92 2.37 -12.71
N TYR A 8 7.72 1.14 -12.23
CA TYR A 8 8.88 0.37 -11.80
C TYR A 8 9.51 -0.33 -13.01
N ASP A 9 10.75 -0.78 -12.92
CA ASP A 9 11.37 -1.54 -14.03
C ASP A 9 10.57 -2.78 -14.55
N ASP A 10 10.85 -3.19 -15.79
CA ASP A 10 10.34 -4.46 -16.33
C ASP A 10 11.04 -5.61 -15.65
N PRO A 11 10.51 -6.85 -15.78
CA PRO A 11 11.26 -7.97 -15.13
C PRO A 11 12.75 -8.08 -15.57
N ILE A 12 13.63 -8.62 -14.71
CA ILE A 12 15.06 -8.70 -15.07
C ILE A 12 15.32 -9.49 -16.33
N ASN A 13 14.38 -10.31 -16.78
CA ASN A 13 14.58 -11.16 -17.94
C ASN A 13 13.75 -10.70 -19.13
N GLY A 14 13.26 -9.48 -19.06
CA GLY A 14 12.53 -8.86 -20.18
C GLY A 14 11.04 -8.77 -19.93
N TYR A 15 10.34 -8.08 -20.80
CA TYR A 15 8.93 -7.86 -20.61
C TYR A 15 8.12 -8.90 -21.35
N PRO A 16 7.33 -9.70 -20.60
CA PRO A 16 6.67 -10.87 -21.21
C PRO A 16 5.41 -10.50 -22.01
N THR A 17 5.03 -11.31 -22.98
CA THR A 17 3.84 -10.93 -23.70
C THR A 17 2.84 -12.03 -23.52
N SER A 18 3.21 -13.05 -22.75
CA SER A 18 2.25 -14.06 -22.38
C SER A 18 2.44 -14.51 -20.90
N TYR A 19 1.34 -14.92 -20.28
CA TYR A 19 1.23 -15.04 -18.82
C TYR A 19 0.80 -16.47 -18.34
N ALA A 20 0.92 -16.74 -17.03
CA ALA A 20 0.56 -18.08 -16.51
C ALA A 20 -0.89 -18.48 -16.79
N ARG A 21 -1.77 -17.50 -16.91
CA ARG A 21 -3.17 -17.78 -17.19
C ARG A 21 -3.62 -16.82 -18.30
N ASP A 22 -4.79 -17.14 -18.86
CA ASP A 22 -5.37 -16.52 -20.05
C ASP A 22 -6.26 -15.29 -19.81
N ASP A 23 -7.05 -15.31 -18.73
CA ASP A 23 -7.87 -14.13 -18.40
C ASP A 23 -7.92 -13.89 -16.89
N LEU A 24 -8.52 -12.79 -16.49
CA LEU A 24 -8.70 -12.54 -15.10
C LEU A 24 -10.10 -12.99 -14.84
N PRO A 25 -10.44 -13.23 -13.57
CA PRO A 25 -11.82 -13.53 -13.11
C PRO A 25 -12.75 -12.34 -13.24
N ARG A 26 -14.06 -12.58 -13.34
CA ARG A 26 -15.06 -11.50 -13.36
C ARG A 26 -15.26 -10.88 -11.97
N ILE A 27 -15.46 -9.57 -11.91
CA ILE A 27 -15.81 -8.86 -10.68
C ILE A 27 -16.79 -7.80 -11.18
N ASP A 28 -17.95 -7.66 -10.52
CA ASP A 28 -18.95 -6.71 -11.01
C ASP A 28 -18.96 -5.39 -10.22
N LYS A 29 -18.30 -5.38 -9.07
CA LYS A 29 -18.56 -4.31 -8.13
C LYS A 29 -17.70 -4.53 -6.92
N TYR A 30 -17.60 -3.50 -6.09
CA TYR A 30 -16.90 -3.53 -4.82
C TYR A 30 -17.95 -3.71 -3.70
N PRO A 31 -17.57 -4.35 -2.56
CA PRO A 31 -18.45 -4.66 -1.42
C PRO A 31 -19.41 -3.55 -0.90
N ASP A 32 -18.93 -2.32 -0.70
CA ASP A 32 -19.82 -1.21 -0.28
C ASP A 32 -20.69 -0.70 -1.46
N GLY A 33 -20.62 -1.39 -2.60
CA GLY A 33 -21.45 -1.03 -3.74
C GLY A 33 -20.86 -0.01 -4.72
N GLN A 34 -19.59 0.39 -4.50
CA GLN A 34 -18.93 1.34 -5.43
C GLN A 34 -18.77 0.63 -6.79
N THR A 35 -19.09 1.33 -7.88
CA THR A 35 -18.80 0.80 -9.22
C THR A 35 -17.29 0.74 -9.49
N LEU A 36 -16.89 -0.24 -10.30
CA LEU A 36 -15.55 -0.29 -10.85
C LEU A 36 -15.23 1.01 -11.63
N PRO A 37 -13.97 1.16 -12.04
CA PRO A 37 -13.65 2.32 -12.85
C PRO A 37 -14.43 2.31 -14.16
N THR A 38 -14.80 3.51 -14.62
CA THR A 38 -15.56 3.67 -15.85
C THR A 38 -14.93 4.67 -16.79
N PRO A 39 -13.72 4.40 -17.30
CA PRO A 39 -13.19 5.16 -18.43
C PRO A 39 -14.04 4.90 -19.65
N LYS A 40 -14.02 5.84 -20.59
CA LYS A 40 -14.82 5.68 -21.80
C LYS A 40 -14.16 4.55 -22.61
N ALA A 41 -12.89 4.28 -22.39
CA ALA A 41 -12.32 3.16 -23.12
C ALA A 41 -10.98 2.72 -22.51
N ILE A 42 -10.57 1.48 -22.78
CA ILE A 42 -9.22 1.02 -22.39
C ILE A 42 -8.42 0.45 -23.55
N ASP A 43 -7.10 0.60 -23.51
CA ASP A 43 -6.22 0.17 -24.60
C ASP A 43 -5.13 -0.80 -24.16
N PHE A 44 -5.45 -1.72 -23.27
CA PHE A 44 -4.47 -2.69 -22.80
C PHE A 44 -5.27 -3.98 -22.72
N THR A 45 -4.63 -5.13 -22.60
CA THR A 45 -5.44 -6.33 -22.43
C THR A 45 -5.44 -6.69 -20.95
N PRO A 46 -6.62 -6.96 -20.37
CA PRO A 46 -6.63 -7.23 -18.94
C PRO A 46 -5.77 -8.43 -18.66
N GLY A 47 -4.93 -8.30 -17.64
CA GLY A 47 -4.14 -9.42 -17.21
C GLY A 47 -2.68 -9.21 -17.52
N ALA A 48 -2.37 -8.17 -18.26
CA ALA A 48 -0.97 -7.96 -18.61
C ALA A 48 -0.25 -7.16 -17.52
N LEU A 49 1.07 -7.11 -17.61
CA LEU A 49 1.88 -6.28 -16.77
C LEU A 49 1.81 -4.76 -17.15
N LEU A 50 1.13 -3.96 -16.33
CA LEU A 50 0.71 -2.58 -16.69
C LEU A 50 1.50 -1.54 -15.92
N GLY A 51 2.03 -1.96 -14.76
CA GLY A 51 2.67 -1.07 -13.81
C GLY A 51 4.17 -0.95 -14.02
N SER A 52 4.74 -1.64 -15.01
CA SER A 52 6.19 -1.42 -15.29
C SER A 52 6.37 -0.51 -16.49
N VAL A 53 7.60 -0.02 -16.71
CA VAL A 53 7.81 1.05 -17.72
C VAL A 53 7.27 0.64 -19.07
N SER A 54 7.55 -0.60 -19.54
CA SER A 54 6.98 -1.04 -20.83
C SER A 54 5.46 -1.23 -20.89
N GLY A 55 4.80 -1.42 -19.75
CA GLY A 55 3.30 -1.44 -19.75
C GLY A 55 2.62 -0.07 -19.84
N GLU A 56 3.19 0.95 -19.19
CA GLU A 56 2.71 2.35 -19.33
C GLU A 56 1.29 2.65 -18.82
N LEU A 57 0.71 1.73 -18.04
CA LEU A 57 -0.67 1.90 -17.60
C LEU A 57 -1.59 1.95 -18.82
N GLY A 58 -1.14 1.46 -19.99
CA GLY A 58 -1.97 1.53 -21.22
C GLY A 58 -2.45 2.96 -21.55
N LEU A 59 -1.63 3.98 -21.30
CA LEU A 59 -2.12 5.37 -21.42
C LEU A 59 -1.61 6.11 -22.65
N ARG A 60 -0.72 5.49 -23.43
CA ARG A 60 0.00 6.25 -24.50
C ARG A 60 -0.90 6.60 -25.69
N LYS A 61 -1.51 5.63 -26.34
CA LYS A 61 -2.43 5.95 -27.45
C LYS A 61 -3.41 7.06 -27.04
N TYR A 62 -4.20 6.84 -25.97
CA TYR A 62 -5.06 7.93 -25.46
C TYR A 62 -4.36 9.30 -25.29
N LEU A 63 -3.24 9.35 -24.57
CA LEU A 63 -2.67 10.65 -24.26
C LEU A 63 -2.19 11.37 -25.53
N GLU A 64 -1.46 10.67 -26.40
CA GLU A 64 -0.90 11.34 -27.58
C GLU A 64 -1.99 11.77 -28.58
N SER A 65 -2.86 10.84 -28.92
CA SER A 65 -3.95 11.18 -29.80
C SER A 65 -4.70 12.44 -29.35
N GLN A 66 -4.35 13.02 -28.21
CA GLN A 66 -5.06 14.21 -27.71
C GLN A 66 -4.07 15.35 -27.57
N GLY A 67 -2.87 15.19 -28.14
CA GLY A 67 -1.87 16.24 -28.10
C GLY A 67 -0.86 16.21 -26.95
N HIS A 68 -1.01 15.31 -25.98
CA HIS A 68 -0.14 15.48 -24.79
C HIS A 68 1.13 14.67 -24.92
N GLU A 69 2.13 15.04 -24.14
CA GLU A 69 3.40 14.31 -24.18
C GLU A 69 3.52 13.36 -22.96
N LEU A 70 3.73 12.05 -23.18
CA LEU A 70 3.91 11.10 -22.09
C LEU A 70 5.38 10.70 -21.88
N VAL A 71 5.94 11.05 -20.72
CA VAL A 71 7.29 10.69 -20.36
C VAL A 71 7.19 9.52 -19.38
N VAL A 72 7.83 8.39 -19.71
CA VAL A 72 7.76 7.26 -18.81
C VAL A 72 9.14 6.99 -18.32
N THR A 73 9.27 6.79 -17.02
CA THR A 73 10.54 6.49 -16.48
C THR A 73 10.43 5.74 -15.14
N SER A 74 11.49 5.01 -14.80
CA SER A 74 11.64 4.43 -13.48
C SER A 74 12.65 5.25 -12.63
N SER A 75 13.31 6.21 -13.27
CA SER A 75 14.34 6.98 -12.57
C SER A 75 13.73 8.13 -11.73
N LYS A 76 13.77 8.02 -10.40
CA LYS A 76 12.89 8.84 -9.55
C LYS A 76 13.53 9.39 -8.27
N ASP A 77 14.59 8.74 -7.82
CA ASP A 77 15.21 9.09 -6.58
C ASP A 77 16.54 9.73 -6.84
N GLY A 78 16.86 10.76 -6.08
CA GLY A 78 18.20 11.35 -6.18
C GLY A 78 18.20 12.62 -7.02
N PRO A 79 19.24 13.45 -6.86
CA PRO A 79 19.23 14.82 -7.43
C PRO A 79 19.42 14.83 -8.96
N ASP A 80 20.01 13.78 -9.54
CA ASP A 80 20.08 13.68 -10.99
C ASP A 80 19.20 12.60 -11.66
N SER A 81 18.02 12.34 -11.12
CA SER A 81 17.07 11.43 -11.71
C SER A 81 16.25 12.06 -12.84
N GLU A 82 15.65 11.23 -13.68
CA GLU A 82 14.75 11.71 -14.73
C GLU A 82 13.51 12.49 -14.24
N LEU A 83 12.87 12.05 -13.15
CA LEU A 83 11.75 12.85 -12.60
C LEU A 83 12.23 14.33 -12.42
N GLU A 84 13.43 14.48 -11.86
CA GLU A 84 13.97 15.78 -11.51
C GLU A 84 14.17 16.73 -12.74
N LYS A 85 14.56 16.19 -13.91
CA LYS A 85 14.62 16.95 -15.20
C LYS A 85 13.25 17.32 -15.75
N HIS A 86 12.18 16.71 -15.23
CA HIS A 86 10.93 16.94 -15.91
C HIS A 86 9.97 17.70 -15.03
N LEU A 87 10.39 18.07 -13.84
CA LEU A 87 9.50 18.76 -12.95
C LEU A 87 9.06 20.14 -13.48
N HIS A 88 9.99 20.92 -14.07
CA HIS A 88 9.73 22.31 -14.53
C HIS A 88 8.54 22.47 -15.43
N ASP A 89 8.20 21.50 -16.28
CA ASP A 89 6.96 21.70 -17.07
C ASP A 89 5.91 20.61 -16.95
N ALA A 90 6.08 19.70 -16.00
CA ALA A 90 5.09 18.63 -15.78
C ALA A 90 3.69 19.20 -15.45
N GLU A 91 2.65 18.88 -16.21
CA GLU A 91 1.31 19.26 -15.72
C GLU A 91 0.66 18.19 -14.82
N VAL A 92 0.96 16.92 -15.11
CA VAL A 92 0.42 15.77 -14.41
C VAL A 92 1.59 14.84 -13.98
N ILE A 93 1.64 14.43 -12.69
CA ILE A 93 2.65 13.41 -12.29
C ILE A 93 1.93 12.13 -11.78
N ILE A 94 2.26 10.95 -12.31
CA ILE A 94 1.58 9.74 -11.92
C ILE A 94 2.63 8.83 -11.32
N SER A 95 2.35 8.30 -10.12
CA SER A 95 3.15 7.14 -9.59
C SER A 95 2.31 6.16 -8.80
N GLN A 96 2.82 4.95 -8.61
CA GLN A 96 2.19 3.92 -7.79
C GLN A 96 2.91 3.93 -6.44
N PRO A 97 2.24 3.50 -5.33
CA PRO A 97 2.88 3.35 -4.04
C PRO A 97 4.09 2.42 -4.00
N PHE A 98 4.10 1.38 -4.83
CA PHE A 98 5.14 0.35 -4.86
C PHE A 98 6.50 0.93 -5.30
N TRP A 99 6.46 2.04 -6.05
CA TRP A 99 7.64 2.63 -6.66
C TRP A 99 7.29 4.14 -6.68
N PRO A 100 7.22 4.77 -5.52
CA PRO A 100 6.55 6.11 -5.39
C PRO A 100 7.47 7.28 -5.74
N ALA A 101 7.02 8.18 -6.60
CA ALA A 101 7.77 9.45 -6.85
C ALA A 101 7.43 10.37 -5.68
N TYR A 102 8.41 10.64 -4.81
CA TYR A 102 8.13 11.43 -3.60
C TYR A 102 8.09 12.88 -4.00
N LEU A 103 6.89 13.48 -3.93
CA LEU A 103 6.70 14.91 -4.20
C LEU A 103 6.82 15.68 -2.88
N THR A 104 8.04 15.92 -2.43
CA THR A 104 8.29 16.77 -1.26
C THR A 104 7.98 18.29 -1.54
N ALA A 105 8.02 19.11 -0.49
CA ALA A 105 7.68 20.55 -0.62
C ALA A 105 8.63 21.24 -1.61
N GLU A 106 9.87 20.81 -1.63
CA GLU A 106 10.87 21.39 -2.55
C GLU A 106 10.57 20.98 -4.00
N ARG A 107 10.12 19.73 -4.21
CA ARG A 107 9.79 19.30 -5.55
C ARG A 107 8.53 20.00 -6.06
N ILE A 108 7.53 20.24 -5.19
CA ILE A 108 6.31 20.92 -5.66
C ILE A 108 6.69 22.39 -6.04
N ALA A 109 7.55 22.98 -5.24
CA ALA A 109 8.00 24.36 -5.46
C ALA A 109 8.74 24.56 -6.81
N LYS A 110 9.43 23.52 -7.30
CA LYS A 110 10.06 23.50 -8.64
C LYS A 110 9.09 23.17 -9.76
N ALA A 111 7.80 23.08 -9.46
CA ALA A 111 6.90 22.52 -10.43
C ALA A 111 5.73 23.47 -10.76
N PRO A 112 6.04 24.62 -11.42
CA PRO A 112 5.10 25.74 -11.69
C PRO A 112 3.88 25.37 -12.47
N LYS A 113 4.02 24.40 -13.36
CA LYS A 113 2.89 23.99 -14.19
C LYS A 113 2.08 22.85 -13.57
N LEU A 114 2.45 22.38 -12.36
CA LEU A 114 1.86 21.13 -11.80
C LEU A 114 0.43 21.35 -11.34
N LYS A 115 -0.50 20.59 -11.89
CA LYS A 115 -1.91 20.74 -11.46
C LYS A 115 -2.52 19.50 -10.76
N LEU A 116 -2.04 18.31 -11.13
CA LEU A 116 -2.57 17.04 -10.68
C LEU A 116 -1.42 16.05 -10.30
N ALA A 117 -1.38 15.61 -9.03
CA ALA A 117 -0.57 14.47 -8.60
C ALA A 117 -1.57 13.27 -8.51
N LEU A 118 -1.36 12.22 -9.32
CA LEU A 118 -2.32 11.10 -9.37
C LEU A 118 -1.62 9.89 -8.76
N THR A 119 -2.26 9.20 -7.80
CA THR A 119 -1.71 7.93 -7.26
C THR A 119 -2.36 6.72 -7.92
N ALA A 120 -1.60 5.93 -8.67
CA ALA A 120 -2.19 4.74 -9.32
C ALA A 120 -2.12 3.60 -8.33
N GLY A 121 -3.18 3.47 -7.52
CA GLY A 121 -3.13 2.60 -6.37
C GLY A 121 -3.82 3.37 -5.27
N ILE A 122 -3.50 2.98 -4.04
CA ILE A 122 -4.07 3.56 -2.81
C ILE A 122 -3.01 4.03 -1.80
N GLY A 123 -3.19 5.23 -1.23
CA GLY A 123 -2.24 5.77 -0.26
C GLY A 123 -1.35 6.84 -0.91
N SER A 124 -1.61 8.08 -0.55
CA SER A 124 -0.99 9.23 -1.16
C SER A 124 -0.06 9.94 -0.22
N ASP A 125 0.38 9.22 0.81
CA ASP A 125 1.37 9.74 1.77
C ASP A 125 2.76 9.99 1.22
N HIS A 126 3.00 9.64 -0.04
CA HIS A 126 4.30 9.94 -0.59
C HIS A 126 4.30 11.34 -1.22
N VAL A 127 3.16 12.02 -1.18
CA VAL A 127 3.12 13.41 -1.58
C VAL A 127 2.99 14.21 -0.31
N ASP A 128 3.74 15.31 -0.20
CA ASP A 128 3.58 16.24 0.91
C ASP A 128 2.22 16.95 0.75
N LEU A 129 1.23 16.49 1.54
CA LEU A 129 -0.15 17.00 1.45
C LEU A 129 -0.27 18.48 1.86
N GLN A 130 0.50 18.90 2.87
CA GLN A 130 0.53 20.34 3.20
C GLN A 130 0.93 21.20 1.99
N ALA A 131 2.12 20.96 1.40
CA ALA A 131 2.57 21.63 0.18
C ALA A 131 1.57 21.52 -0.99
N ALA A 132 0.94 20.35 -1.14
CA ALA A 132 -0.08 20.19 -2.19
C ALA A 132 -1.27 21.12 -1.89
N ILE A 133 -1.62 21.21 -0.62
CA ILE A 133 -2.70 22.11 -0.23
C ILE A 133 -2.28 23.60 -0.56
N ASP A 134 -1.11 24.02 -0.07
CA ASP A 134 -0.59 25.36 -0.24
C ASP A 134 -0.43 25.76 -1.69
N ASN A 135 -0.17 24.81 -2.59
CA ASN A 135 0.03 25.20 -3.97
C ASN A 135 -1.13 24.84 -4.84
N ASN A 136 -2.28 24.50 -4.26
CA ASN A 136 -3.42 24.19 -5.15
C ASN A 136 -3.25 23.08 -6.19
N ILE A 137 -2.43 22.08 -5.86
CA ILE A 137 -2.31 20.85 -6.64
C ILE A 137 -3.54 19.96 -6.29
N THR A 138 -4.26 19.43 -7.28
CA THR A 138 -5.19 18.33 -7.03
C THR A 138 -4.44 16.99 -6.77
N VAL A 139 -4.87 16.23 -5.75
CA VAL A 139 -4.30 14.91 -5.43
C VAL A 139 -5.48 13.90 -5.47
N ALA A 140 -5.38 12.91 -6.34
CA ALA A 140 -6.38 11.89 -6.44
C ALA A 140 -5.73 10.49 -6.41
N GLU A 141 -6.51 9.47 -6.03
CA GLU A 141 -6.00 8.11 -6.02
C GLU A 141 -7.16 7.21 -6.35
N VAL A 142 -6.90 5.94 -6.57
CA VAL A 142 -7.91 5.09 -7.21
C VAL A 142 -8.61 4.19 -6.19
N THR A 143 -9.45 4.84 -5.38
CA THR A 143 -10.19 4.21 -4.27
C THR A 143 -10.74 2.84 -4.56
N TYR A 144 -10.49 1.93 -3.62
CA TYR A 144 -10.98 0.54 -3.76
C TYR A 144 -10.29 -0.34 -4.82
N CYS A 145 -9.33 0.19 -5.55
CA CYS A 145 -8.83 -0.60 -6.69
C CYS A 145 -8.23 -1.94 -6.15
N ASN A 146 -7.61 -1.87 -4.97
CA ASN A 146 -6.93 -3.05 -4.52
C ASN A 146 -7.19 -3.33 -3.07
N SER A 147 -8.20 -2.68 -2.48
CA SER A 147 -8.62 -2.98 -1.08
C SER A 147 -8.73 -4.50 -0.80
N ASN A 148 -9.48 -5.22 -1.65
CA ASN A 148 -9.57 -6.65 -1.43
C ASN A 148 -8.27 -7.39 -1.65
N SER A 149 -7.43 -6.89 -2.56
CA SER A 149 -6.18 -7.55 -2.81
C SER A 149 -5.30 -7.40 -1.55
N VAL A 150 -5.26 -6.21 -0.96
CA VAL A 150 -4.49 -6.04 0.26
C VAL A 150 -4.98 -6.95 1.39
N ALA A 151 -6.29 -7.02 1.57
CA ALA A 151 -6.86 -7.92 2.59
C ALA A 151 -6.41 -9.36 2.37
N GLU A 152 -6.46 -9.88 1.13
CA GLU A 152 -5.93 -11.26 0.94
C GLU A 152 -4.49 -11.41 1.43
N HIS A 153 -3.65 -10.42 1.10
CA HIS A 153 -2.21 -10.46 1.40
C HIS A 153 -2.06 -10.49 2.93
N VAL A 154 -2.86 -9.72 3.65
CA VAL A 154 -2.78 -9.78 5.12
C VAL A 154 -3.01 -11.22 5.64
N VAL A 155 -4.08 -11.90 5.19
CA VAL A 155 -4.43 -13.22 5.73
C VAL A 155 -3.32 -14.18 5.36
N MET A 156 -2.83 -14.05 4.15
CA MET A 156 -1.71 -14.91 3.73
C MET A 156 -0.52 -14.78 4.70
N MET A 157 -0.13 -13.54 5.03
CA MET A 157 0.98 -13.33 5.97
C MET A 157 0.68 -13.71 7.43
N VAL A 158 -0.55 -13.53 7.88
CA VAL A 158 -0.91 -14.01 9.19
C VAL A 158 -0.74 -15.54 9.26
N LEU A 159 -1.31 -16.26 8.32
CA LEU A 159 -1.17 -17.73 8.36
C LEU A 159 0.32 -18.10 8.20
N GLY A 160 1.03 -17.45 7.27
CA GLY A 160 2.43 -17.79 7.05
C GLY A 160 3.34 -17.61 8.25
N LEU A 161 3.17 -16.51 8.98
CA LEU A 161 3.95 -16.26 10.19
C LEU A 161 3.65 -17.28 11.22
N VAL A 162 2.35 -17.43 11.49
CA VAL A 162 1.94 -18.21 12.63
C VAL A 162 2.23 -19.70 12.43
N ARG A 163 2.06 -20.19 11.19
CA ARG A 163 2.29 -21.66 10.93
C ARG A 163 3.76 -21.91 10.54
N ASN A 164 4.49 -20.83 10.39
CA ASN A 164 5.93 -20.93 10.09
C ASN A 164 6.22 -21.45 8.67
N TYR A 165 5.52 -20.92 7.67
CA TYR A 165 5.73 -21.40 6.26
C TYR A 165 7.13 -21.26 5.66
N ILE A 166 7.71 -20.06 5.76
CA ILE A 166 8.90 -19.74 5.00
C ILE A 166 10.13 -20.62 5.35
N PRO A 167 10.52 -20.68 6.64
CA PRO A 167 11.57 -21.62 7.08
C PRO A 167 11.23 -23.03 6.76
N SER A 168 9.96 -23.41 6.76
CA SER A 168 9.66 -24.82 6.43
C SER A 168 9.86 -25.12 4.95
N HIS A 169 9.46 -24.19 4.06
CA HIS A 169 9.73 -24.39 2.64
C HIS A 169 11.26 -24.50 2.43
N ASP A 170 12.05 -23.71 3.17
CA ASP A 170 13.54 -23.80 2.99
C ASP A 170 14.06 -25.22 3.27
N TRP A 171 13.58 -25.86 4.32
CA TRP A 171 13.99 -27.24 4.66
C TRP A 171 13.62 -28.22 3.52
N ALA A 172 12.43 -28.02 2.92
CA ALA A 172 12.06 -28.83 1.75
C ALA A 172 12.95 -28.58 0.55
N ARG A 173 13.28 -27.33 0.24
CA ARG A 173 14.06 -27.13 -0.95
C ARG A 173 15.53 -27.42 -0.70
N ASN A 174 16.06 -27.33 0.53
CA ASN A 174 17.48 -27.65 0.70
C ASN A 174 17.72 -29.14 0.89
N GLY A 175 16.70 -29.97 0.69
CA GLY A 175 16.85 -31.39 0.89
C GLY A 175 16.64 -32.02 2.26
N GLY A 176 16.15 -31.25 3.23
CA GLY A 176 15.90 -31.76 4.57
C GLY A 176 14.50 -32.38 4.72
N TRP A 177 14.10 -32.60 5.99
CA TRP A 177 12.79 -33.09 6.37
C TRP A 177 12.49 -32.37 7.69
N ASN A 178 13.26 -32.68 8.70
CA ASN A 178 13.40 -31.69 9.79
C ASN A 178 12.10 -31.19 10.44
N ILE A 179 11.19 -32.14 10.67
CA ILE A 179 9.85 -31.81 11.18
C ILE A 179 9.95 -30.97 12.47
N ALA A 180 10.72 -31.43 13.44
CA ALA A 180 10.81 -30.70 14.69
C ALA A 180 11.34 -29.27 14.55
N ASP A 181 12.26 -29.07 13.61
CA ASP A 181 12.82 -27.74 13.38
C ASP A 181 11.72 -26.80 12.81
N CYS A 182 10.81 -27.37 12.02
CA CYS A 182 9.74 -26.60 11.40
C CYS A 182 8.68 -26.27 12.42
N VAL A 183 8.29 -27.22 13.28
CA VAL A 183 7.11 -26.99 14.10
C VAL A 183 7.39 -26.49 15.50
N ALA A 184 8.69 -26.33 15.80
CA ALA A 184 9.13 -25.71 17.07
C ALA A 184 8.50 -24.32 17.26
N ARG A 185 8.20 -23.64 16.15
CA ARG A 185 7.50 -22.36 16.21
C ARG A 185 6.22 -22.39 15.33
N SER A 186 5.51 -23.53 15.24
CA SER A 186 4.29 -23.62 14.42
C SER A 186 3.02 -23.77 15.32
N TYR A 187 2.11 -22.81 15.25
CA TYR A 187 0.84 -22.86 15.92
C TYR A 187 -0.30 -22.77 14.85
N ASP A 188 -1.52 -23.16 15.23
CA ASP A 188 -2.76 -22.88 14.48
C ASP A 188 -3.25 -21.47 14.87
N VAL A 189 -3.99 -20.77 14.04
CA VAL A 189 -4.54 -19.48 14.44
C VAL A 189 -5.90 -19.68 15.15
N GLU A 190 -6.49 -20.87 15.00
CA GLU A 190 -7.79 -21.19 15.64
C GLU A 190 -7.79 -20.76 17.10
N GLY A 191 -8.73 -19.88 17.48
CA GLY A 191 -8.84 -19.54 18.93
C GLY A 191 -7.96 -18.34 19.34
N MET A 192 -7.10 -17.82 18.45
CA MET A 192 -6.26 -16.73 18.84
C MET A 192 -7.08 -15.46 18.78
N HIS A 193 -6.67 -14.39 19.46
CA HIS A 193 -7.31 -13.06 19.34
C HIS A 193 -6.51 -12.23 18.33
N VAL A 194 -7.18 -11.58 17.38
CA VAL A 194 -6.49 -10.81 16.32
C VAL A 194 -7.23 -9.46 16.33
N GLY A 195 -6.52 -8.34 16.24
CA GLY A 195 -7.21 -7.03 16.22
C GLY A 195 -6.72 -6.29 14.97
N THR A 196 -7.55 -5.42 14.42
CA THR A 196 -7.08 -4.56 13.34
C THR A 196 -7.13 -3.12 13.82
N VAL A 197 -6.07 -2.37 13.53
CA VAL A 197 -6.14 -0.88 13.61
C VAL A 197 -6.76 -0.34 12.37
N ALA A 198 -7.99 0.16 12.57
CA ALA A 198 -8.87 0.70 11.57
C ALA A 198 -9.64 -0.38 10.91
N ALA A 199 -10.90 -0.10 10.65
CA ALA A 199 -11.74 -1.08 10.04
C ALA A 199 -12.49 -0.46 8.88
N GLY A 200 -11.73 0.09 7.90
CA GLY A 200 -12.24 0.74 6.69
C GLY A 200 -12.39 -0.36 5.63
N ARG A 201 -12.15 -0.04 4.36
CA ARG A 201 -12.31 -1.05 3.29
C ARG A 201 -11.39 -2.28 3.50
N ILE A 202 -10.11 -2.09 3.78
CA ILE A 202 -9.18 -3.18 4.04
C ILE A 202 -9.48 -3.91 5.38
N GLY A 203 -9.50 -3.18 6.50
CA GLY A 203 -9.60 -3.78 7.86
C GLY A 203 -10.91 -4.54 8.12
N LEU A 204 -12.06 -4.01 7.69
CA LEU A 204 -13.33 -4.76 7.73
C LEU A 204 -13.26 -6.03 6.88
N ARG A 205 -12.71 -5.91 5.68
CA ARG A 205 -12.54 -7.08 4.81
C ARG A 205 -11.66 -8.16 5.50
N VAL A 206 -10.52 -7.79 6.08
CA VAL A 206 -9.65 -8.68 6.98
C VAL A 206 -10.47 -9.36 8.11
N LEU A 207 -11.20 -8.58 8.91
CA LEU A 207 -12.11 -9.21 9.89
C LEU A 207 -13.07 -10.30 9.30
N ARG A 208 -13.79 -9.95 8.23
CA ARG A 208 -14.64 -10.92 7.54
C ARG A 208 -13.88 -12.20 7.03
N LEU A 209 -12.68 -12.05 6.48
CA LEU A 209 -11.90 -13.23 6.06
C LEU A 209 -11.41 -14.09 7.24
N LEU A 210 -11.14 -13.49 8.42
CA LEU A 210 -10.66 -14.24 9.59
C LEU A 210 -11.84 -14.83 10.43
N ALA A 211 -13.07 -14.34 10.24
CA ALA A 211 -14.22 -14.93 11.03
C ALA A 211 -14.33 -16.46 10.98
N PRO A 212 -14.29 -17.09 9.78
CA PRO A 212 -14.58 -18.54 9.84
C PRO A 212 -13.41 -19.39 10.33
N PHE A 213 -12.22 -18.79 10.54
CA PHE A 213 -11.09 -19.44 11.20
C PHE A 213 -11.32 -19.58 12.69
N ASP A 214 -12.45 -19.09 13.20
CA ASP A 214 -12.76 -19.14 14.65
C ASP A 214 -11.69 -18.44 15.49
N MET A 215 -11.12 -17.35 14.94
CA MET A 215 -10.37 -16.37 15.72
C MET A 215 -11.35 -15.43 16.47
N HIS A 216 -10.90 -14.84 17.56
CA HIS A 216 -11.73 -13.82 18.28
C HIS A 216 -11.34 -12.46 17.78
N LEU A 217 -12.28 -11.71 17.24
CA LEU A 217 -11.96 -10.53 16.48
C LEU A 217 -12.11 -9.30 17.36
N HIS A 218 -11.10 -8.41 17.22
CA HIS A 218 -10.98 -7.16 17.95
C HIS A 218 -10.69 -6.05 16.93
N TYR A 219 -11.25 -4.87 17.17
CA TYR A 219 -10.88 -3.71 16.38
C TYR A 219 -10.86 -2.37 17.13
N THR A 220 -10.12 -1.43 16.55
CA THR A 220 -10.19 -0.03 16.93
C THR A 220 -10.15 0.85 15.69
N ASP A 221 -10.59 2.12 15.84
CA ASP A 221 -10.83 3.03 14.69
C ASP A 221 -11.32 4.40 15.26
N ARG A 222 -11.43 5.38 14.39
CA ARG A 222 -11.91 6.70 14.75
C ARG A 222 -13.32 6.54 15.32
N HIS A 223 -14.22 5.94 14.55
CA HIS A 223 -15.62 5.71 14.96
C HIS A 223 -15.98 4.19 15.02
N ARG A 224 -17.00 3.84 15.78
CA ARG A 224 -17.47 2.45 15.75
C ARG A 224 -18.09 2.01 14.40
N LEU A 225 -18.11 0.70 14.15
CA LEU A 225 -18.88 0.14 13.04
C LEU A 225 -20.36 0.13 13.41
N PRO A 226 -21.27 -0.01 12.43
CA PRO A 226 -22.71 -0.13 12.76
C PRO A 226 -22.95 -1.33 13.68
N GLU A 227 -23.82 -1.18 14.67
CA GLU A 227 -24.12 -2.32 15.58
C GLU A 227 -24.56 -3.59 14.81
N ALA A 228 -25.22 -3.47 13.67
CA ALA A 228 -25.45 -4.67 12.87
C ALA A 228 -24.15 -5.48 12.57
N VAL A 229 -23.10 -4.79 12.11
CA VAL A 229 -21.81 -5.41 11.81
C VAL A 229 -21.09 -6.04 13.01
N GLU A 230 -21.02 -5.33 14.15
CA GLU A 230 -20.41 -5.85 15.38
C GLU A 230 -21.06 -7.11 15.87
N LYS A 231 -22.38 -7.16 15.88
CA LYS A 231 -23.07 -8.40 16.22
C LYS A 231 -22.92 -9.50 15.13
N GLU A 232 -22.99 -9.20 13.85
CA GLU A 232 -22.67 -10.23 12.88
C GLU A 232 -21.31 -10.95 13.13
N LEU A 233 -20.21 -10.22 13.42
CA LEU A 233 -18.88 -10.84 13.53
C LEU A 233 -18.45 -11.00 14.98
N ASN A 234 -19.38 -10.76 15.91
CA ASN A 234 -19.06 -10.81 17.32
C ASN A 234 -17.80 -10.02 17.65
N LEU A 235 -17.80 -8.73 17.34
CA LEU A 235 -16.60 -7.89 17.51
C LEU A 235 -16.42 -7.40 18.95
N THR A 236 -15.17 -7.28 19.40
CA THR A 236 -14.82 -6.60 20.66
C THR A 236 -14.17 -5.27 20.25
N TRP A 237 -14.74 -4.17 20.74
CA TRP A 237 -14.31 -2.82 20.40
C TRP A 237 -13.32 -2.33 21.45
N HIS A 238 -12.28 -1.61 21.00
CA HIS A 238 -11.39 -0.93 21.89
C HIS A 238 -11.42 0.52 21.48
N ALA A 239 -11.62 1.39 22.48
CA ALA A 239 -11.75 2.82 22.26
C ALA A 239 -10.42 3.41 21.84
N THR A 240 -9.29 2.75 22.17
CA THR A 240 -7.96 3.23 21.69
C THR A 240 -7.00 2.11 21.19
N ARG A 241 -6.05 2.45 20.30
CA ARG A 241 -5.12 1.46 19.79
C ARG A 241 -4.40 0.82 20.93
N GLU A 242 -4.04 1.66 21.90
CA GLU A 242 -3.14 1.20 22.95
C GLU A 242 -3.81 0.21 23.89
N ASP A 243 -5.12 0.32 24.09
CA ASP A 243 -5.81 -0.71 24.86
C ASP A 243 -5.95 -2.00 24.04
N MET A 244 -6.02 -1.91 22.71
CA MET A 244 -6.21 -3.12 21.92
C MET A 244 -5.01 -4.07 21.96
N TYR A 245 -3.78 -3.55 21.90
CA TYR A 245 -2.64 -4.36 21.68
C TYR A 245 -2.46 -5.46 22.73
N GLY A 246 -2.73 -5.13 23.99
CA GLY A 246 -2.52 -6.10 25.05
C GLY A 246 -3.53 -7.24 24.99
N ALA A 247 -4.61 -7.07 24.24
CA ALA A 247 -5.65 -8.12 24.20
C ALA A 247 -5.49 -9.12 23.06
N CYS A 248 -4.41 -8.98 22.27
CA CYS A 248 -4.32 -9.64 20.96
C CYS A 248 -3.09 -10.54 20.79
N ASP A 249 -3.31 -11.72 20.20
CA ASP A 249 -2.20 -12.59 19.88
C ASP A 249 -1.60 -12.12 18.55
N VAL A 250 -2.44 -11.47 17.74
CA VAL A 250 -2.07 -11.09 16.36
C VAL A 250 -2.63 -9.70 16.10
N VAL A 251 -1.74 -8.79 15.67
CA VAL A 251 -2.19 -7.40 15.42
C VAL A 251 -1.88 -7.13 13.95
N THR A 252 -2.87 -6.55 13.26
CA THR A 252 -2.73 -6.10 11.86
C THR A 252 -3.03 -4.57 11.76
N LEU A 253 -2.12 -3.80 11.13
CA LEU A 253 -2.25 -2.34 10.90
C LEU A 253 -2.84 -2.05 9.54
N ASN A 254 -3.91 -1.27 9.51
CA ASN A 254 -4.66 -1.06 8.26
C ASN A 254 -5.16 0.37 8.19
N CYS A 255 -4.38 1.27 8.77
CA CYS A 255 -4.76 2.69 8.79
C CYS A 255 -3.86 3.48 7.82
N PRO A 256 -4.25 4.73 7.51
CA PRO A 256 -3.39 5.65 6.68
C PRO A 256 -2.18 6.19 7.44
N LEU A 257 -1.18 6.64 6.70
CA LEU A 257 -0.02 7.35 7.24
C LEU A 257 -0.23 8.85 7.20
N HIS A 258 -0.17 9.47 8.37
CA HIS A 258 -0.16 10.94 8.52
C HIS A 258 0.42 11.25 9.90
N PRO A 259 0.67 12.54 10.19
CA PRO A 259 1.43 12.81 11.44
C PRO A 259 0.81 12.16 12.70
N GLU A 260 -0.49 11.90 12.69
CA GLU A 260 -1.10 11.26 13.86
C GLU A 260 -0.76 9.75 14.02
N THR A 261 -0.29 9.08 12.95
CA THR A 261 0.02 7.62 13.03
C THR A 261 1.51 7.30 12.74
N GLU A 262 2.29 8.30 12.33
CA GLU A 262 3.75 8.14 12.10
C GLU A 262 4.46 7.57 13.35
N HIS A 263 5.16 6.45 13.20
CA HIS A 263 5.88 5.87 14.33
C HIS A 263 5.01 5.50 15.54
N MET A 264 3.72 5.15 15.35
CA MET A 264 2.85 4.72 16.46
C MET A 264 3.32 3.42 17.15
N ILE A 265 3.95 2.54 16.37
CA ILE A 265 4.57 1.34 16.90
C ILE A 265 6.03 1.70 17.16
N ASN A 266 6.42 1.78 18.42
CA ASN A 266 7.82 2.19 18.75
C ASN A 266 8.25 1.41 19.99
N ASP A 267 9.42 1.71 20.56
CA ASP A 267 9.89 0.97 21.78
C ASP A 267 8.88 1.12 22.88
N GLU A 268 8.21 2.28 22.95
CA GLU A 268 7.29 2.49 24.07
C GLU A 268 6.00 1.67 23.86
N THR A 269 5.33 1.80 22.71
CA THR A 269 4.11 1.02 22.46
C THR A 269 4.32 -0.53 22.35
N LEU A 270 5.51 -0.99 21.99
CA LEU A 270 5.71 -2.42 21.86
C LEU A 270 5.67 -3.16 23.20
N LYS A 271 5.88 -2.40 24.29
CA LYS A 271 5.88 -2.94 25.65
C LYS A 271 4.49 -3.37 26.01
N LEU A 272 3.50 -2.74 25.38
CA LEU A 272 2.09 -3.12 25.54
C LEU A 272 1.60 -4.43 24.85
N PHE A 273 2.36 -4.97 23.89
CA PHE A 273 1.92 -6.22 23.20
C PHE A 273 2.09 -7.41 24.14
N LYS A 274 1.28 -8.46 24.00
CA LYS A 274 1.66 -9.77 24.59
C LYS A 274 3.04 -10.33 24.15
N ARG A 275 3.71 -10.99 25.08
CA ARG A 275 4.98 -11.66 24.74
C ARG A 275 4.67 -12.68 23.66
N GLY A 276 5.44 -12.63 22.57
CA GLY A 276 5.22 -13.57 21.48
C GLY A 276 3.98 -13.29 20.60
N ALA A 277 3.52 -12.04 20.61
CA ALA A 277 2.51 -11.53 19.66
C ALA A 277 3.10 -11.53 18.27
N TYR A 278 2.20 -11.44 17.30
CA TYR A 278 2.55 -11.38 15.90
C TYR A 278 2.05 -10.06 15.30
N LEU A 279 2.90 -9.40 14.52
CA LEU A 279 2.52 -8.14 13.98
C LEU A 279 2.64 -8.17 12.47
N VAL A 280 1.58 -7.77 11.77
CA VAL A 280 1.50 -7.74 10.31
C VAL A 280 1.17 -6.33 9.87
N ASN A 281 1.96 -5.80 8.93
CA ASN A 281 1.73 -4.43 8.47
C ASN A 281 1.83 -4.31 6.94
N THR A 282 0.67 -4.21 6.26
CA THR A 282 0.63 -3.94 4.83
C THR A 282 0.04 -2.53 4.64
N ALA A 283 0.11 -1.66 5.66
CA ALA A 283 -0.48 -0.31 5.49
C ALA A 283 0.62 0.63 5.02
N ARG A 284 1.49 1.09 5.94
CA ARG A 284 2.64 1.87 5.50
C ARG A 284 3.81 1.57 6.44
N GLY A 285 5.05 1.55 5.92
CA GLY A 285 6.19 1.11 6.72
C GLY A 285 6.51 2.11 7.80
N LYS A 286 6.13 3.37 7.54
CA LYS A 286 6.52 4.42 8.45
C LYS A 286 5.65 4.46 9.68
N LEU A 287 4.62 3.60 9.73
CA LEU A 287 3.79 3.45 10.94
C LEU A 287 4.68 2.91 12.05
N CYS A 288 5.77 2.23 11.67
CA CYS A 288 6.69 1.56 12.65
C CYS A 288 8.05 2.22 12.71
N ASP A 289 8.57 2.40 13.92
CA ASP A 289 9.95 2.76 14.10
C ASP A 289 10.80 1.58 13.69
N ARG A 290 11.67 1.81 12.72
CA ARG A 290 12.41 0.75 12.07
C ARG A 290 13.26 -0.15 12.97
N ASP A 291 14.04 0.47 13.86
CA ASP A 291 14.87 -0.29 14.76
C ASP A 291 14.09 -0.87 15.94
N ALA A 292 13.00 -0.21 16.36
CA ALA A 292 12.23 -0.78 17.48
C ALA A 292 11.67 -2.17 17.13
N ILE A 293 11.39 -2.40 15.86
CA ILE A 293 10.83 -3.68 15.45
C ILE A 293 11.91 -4.73 15.51
N VAL A 294 13.13 -4.40 15.06
CA VAL A 294 14.24 -5.39 15.15
C VAL A 294 14.57 -5.73 16.65
N ARG A 295 14.57 -4.74 17.53
CA ARG A 295 14.76 -5.07 18.96
C ARG A 295 13.68 -6.00 19.51
N ALA A 296 12.42 -5.79 19.14
CA ALA A 296 11.33 -6.65 19.71
C ALA A 296 11.39 -8.10 19.25
N LEU A 297 11.87 -8.29 18.03
CA LEU A 297 12.03 -9.62 17.48
C LEU A 297 13.21 -10.30 18.17
N GLU A 298 14.32 -9.58 18.26
CA GLU A 298 15.54 -10.06 18.97
C GLU A 298 15.35 -10.44 20.44
N SER A 299 14.49 -9.70 21.14
CA SER A 299 14.10 -10.01 22.52
C SER A 299 12.95 -11.01 22.75
N GLY A 300 12.18 -11.38 21.72
CA GLY A 300 11.06 -12.30 21.92
C GLY A 300 9.80 -11.54 22.23
N ARG A 301 9.85 -10.23 22.41
CA ARG A 301 8.58 -9.50 22.60
C ARG A 301 7.56 -9.81 21.46
N LEU A 302 8.07 -9.83 20.21
CA LEU A 302 7.31 -10.22 19.04
C LEU A 302 7.77 -11.65 18.64
N ALA A 303 6.85 -12.57 18.37
CA ALA A 303 7.28 -13.86 17.80
C ALA A 303 7.48 -13.81 16.32
N GLY A 304 7.07 -12.72 15.66
CA GLY A 304 7.04 -12.64 14.18
C GLY A 304 6.55 -11.31 13.66
N TYR A 305 7.18 -10.85 12.57
CA TYR A 305 6.78 -9.63 11.92
C TYR A 305 6.67 -9.92 10.42
N ALA A 306 5.59 -9.44 9.81
CA ALA A 306 5.44 -9.60 8.40
C ALA A 306 4.73 -8.41 7.74
N GLY A 307 5.16 -8.09 6.50
CA GLY A 307 4.52 -6.98 5.82
C GLY A 307 5.07 -6.83 4.42
N ASP A 308 4.51 -5.93 3.65
CA ASP A 308 5.12 -5.71 2.35
C ASP A 308 5.48 -4.24 2.19
N VAL A 309 5.35 -3.47 3.27
CA VAL A 309 5.66 -2.03 3.12
C VAL A 309 6.82 -1.60 3.98
N TRP A 310 7.60 -0.69 3.41
CA TRP A 310 8.88 -0.32 3.95
C TRP A 310 8.99 1.18 3.89
N PHE A 311 9.89 1.77 4.68
CA PHE A 311 10.24 3.16 4.43
C PHE A 311 11.74 3.33 4.33
N PRO A 312 12.25 4.03 3.28
CA PRO A 312 11.56 4.57 2.11
C PRO A 312 11.31 3.42 1.14
N GLN A 313 10.78 3.71 -0.02
CA GLN A 313 10.67 2.66 -1.03
C GLN A 313 11.27 3.18 -2.33
N PRO A 314 12.17 2.40 -2.96
CA PRO A 314 12.67 1.10 -2.55
C PRO A 314 13.48 1.22 -1.26
N ALA A 315 13.52 0.11 -0.50
CA ALA A 315 14.30 0.06 0.72
C ALA A 315 15.77 -0.16 0.37
N PRO A 316 16.66 0.67 0.93
CA PRO A 316 18.09 0.37 0.75
C PRO A 316 18.35 -1.14 0.85
N ASN A 317 19.30 -1.64 0.03
CA ASN A 317 19.81 -3.03 0.12
C ASN A 317 20.15 -3.60 1.52
N ASP A 318 20.71 -2.79 2.42
CA ASP A 318 20.93 -3.25 3.81
C ASP A 318 19.84 -2.86 4.84
N HIS A 319 18.63 -2.55 4.38
CA HIS A 319 17.54 -2.26 5.33
C HIS A 319 17.43 -3.44 6.29
N PRO A 320 17.43 -3.18 7.61
CA PRO A 320 17.45 -4.24 8.60
C PRO A 320 16.23 -5.18 8.56
N TRP A 321 15.09 -4.75 8.03
CA TRP A 321 13.95 -5.64 8.06
C TRP A 321 14.18 -6.80 7.12
N ARG A 322 15.16 -6.69 6.21
CA ARG A 322 15.40 -7.74 5.23
C ARG A 322 15.94 -8.98 5.91
N THR A 323 16.67 -8.80 7.01
CA THR A 323 17.39 -9.96 7.53
C THR A 323 17.09 -10.21 9.00
N MET A 324 16.19 -9.43 9.59
CA MET A 324 15.91 -9.58 11.01
C MET A 324 15.32 -10.98 11.26
N PRO A 325 15.42 -11.49 12.49
CA PRO A 325 14.90 -12.82 12.81
C PRO A 325 13.37 -12.89 12.60
N HIS A 326 12.83 -14.06 12.27
CA HIS A 326 11.37 -14.32 12.22
C HIS A 326 10.54 -13.32 11.43
N ASN A 327 10.90 -13.09 10.18
CA ASN A 327 10.20 -12.11 9.37
C ASN A 327 9.58 -12.79 8.18
N GLY A 328 8.43 -12.34 7.69
CA GLY A 328 7.90 -12.88 6.42
C GLY A 328 7.74 -11.77 5.39
N MET A 329 8.71 -10.85 5.32
CA MET A 329 8.59 -9.68 4.43
C MET A 329 8.50 -10.03 2.96
N THR A 330 7.80 -9.17 2.21
CA THR A 330 8.03 -9.09 0.78
C THR A 330 8.26 -7.61 0.40
N PRO A 331 8.74 -7.36 -0.81
CA PRO A 331 8.70 -5.99 -1.29
C PRO A 331 7.22 -5.60 -1.46
N HIS A 332 6.98 -4.33 -1.74
CA HIS A 332 5.58 -3.79 -1.77
C HIS A 332 4.81 -4.31 -2.98
N ILE A 333 4.07 -5.40 -2.80
CA ILE A 333 3.44 -6.02 -3.96
C ILE A 333 1.94 -6.31 -3.80
N SER A 334 1.39 -6.18 -2.59
CA SER A 334 0.02 -6.61 -2.41
C SER A 334 -0.93 -5.85 -3.35
N GLY A 335 -0.72 -4.55 -3.56
CA GLY A 335 -1.83 -3.88 -4.28
C GLY A 335 -1.49 -3.83 -5.76
N THR A 336 -0.46 -4.56 -6.19
CA THR A 336 -0.12 -4.59 -7.64
C THR A 336 -0.01 -6.03 -8.20
N SER A 337 -0.91 -6.92 -7.75
CA SER A 337 -1.05 -8.18 -8.43
C SER A 337 -1.65 -7.86 -9.80
N LEU A 338 -1.52 -8.79 -10.73
CA LEU A 338 -2.03 -8.56 -12.09
C LEU A 338 -3.49 -8.13 -12.12
N SER A 339 -4.31 -8.80 -11.33
CA SER A 339 -5.72 -8.49 -11.18
C SER A 339 -5.99 -7.02 -10.73
N ALA A 340 -5.28 -6.56 -9.71
CA ALA A 340 -5.38 -5.18 -9.31
C ALA A 340 -4.91 -4.19 -10.37
N GLN A 341 -3.81 -4.45 -11.07
CA GLN A 341 -3.27 -3.44 -12.01
C GLN A 341 -4.34 -3.08 -13.07
N THR A 342 -5.14 -4.04 -13.51
CA THR A 342 -6.16 -3.79 -14.50
C THR A 342 -7.24 -2.84 -13.98
N ARG A 343 -7.57 -2.93 -12.67
CA ARG A 343 -8.51 -1.96 -12.09
C ARG A 343 -7.88 -0.59 -11.86
N TYR A 344 -6.66 -0.53 -11.41
CA TYR A 344 -6.08 0.77 -11.26
C TYR A 344 -5.68 1.45 -12.59
N ALA A 345 -5.27 0.68 -13.60
CA ALA A 345 -4.96 1.21 -14.95
C ALA A 345 -6.23 1.89 -15.53
N ALA A 346 -7.35 1.20 -15.41
CA ALA A 346 -8.68 1.73 -15.78
C ALA A 346 -9.12 2.99 -15.02
N GLY A 347 -9.08 2.95 -13.70
CA GLY A 347 -9.22 4.13 -12.87
C GLY A 347 -8.25 5.26 -13.21
N THR A 348 -6.98 4.98 -13.52
CA THR A 348 -6.11 6.09 -13.80
C THR A 348 -6.65 6.86 -15.07
N ARG A 349 -6.98 6.09 -16.09
CA ARG A 349 -7.53 6.66 -17.32
C ARG A 349 -8.81 7.44 -17.06
N GLU A 350 -9.75 6.88 -16.31
CA GLU A 350 -10.96 7.61 -15.90
C GLU A 350 -10.67 8.96 -15.26
N ILE A 351 -9.70 9.05 -14.36
CA ILE A 351 -9.33 10.34 -13.77
C ILE A 351 -8.73 11.32 -14.82
N LEU A 352 -7.79 10.84 -15.63
CA LEU A 352 -7.27 11.63 -16.76
C LEU A 352 -8.36 12.12 -17.78
N GLU A 353 -9.23 11.24 -18.26
CA GLU A 353 -10.37 11.67 -19.08
C GLU A 353 -11.15 12.81 -18.43
N CYS A 354 -11.54 12.65 -17.15
CA CYS A 354 -12.19 13.78 -16.43
C CYS A 354 -11.34 15.05 -16.43
N TYR A 355 -10.11 14.95 -15.98
CA TYR A 355 -9.22 16.08 -15.91
C TYR A 355 -9.22 16.84 -17.25
N PHE A 356 -9.06 16.11 -18.35
CA PHE A 356 -8.73 16.70 -19.64
C PHE A 356 -9.94 17.28 -20.40
N GLU A 357 -11.14 16.78 -20.12
CA GLU A 357 -12.38 17.23 -20.71
C GLU A 357 -13.08 18.23 -19.79
N GLY A 358 -12.46 18.59 -18.67
CA GLY A 358 -13.07 19.46 -17.66
C GLY A 358 -14.36 18.97 -16.98
N ARG A 359 -14.50 17.65 -16.75
CA ARG A 359 -15.55 17.10 -15.85
C ARG A 359 -14.99 16.91 -14.42
N PRO A 360 -15.89 16.77 -13.45
CA PRO A 360 -15.47 16.63 -12.03
C PRO A 360 -14.93 15.23 -11.82
N ILE A 361 -13.87 15.12 -11.04
CA ILE A 361 -13.31 13.82 -10.68
C ILE A 361 -14.19 13.25 -9.54
N ARG A 362 -14.50 11.95 -9.58
CA ARG A 362 -15.38 11.32 -8.59
C ARG A 362 -14.94 11.72 -7.20
N ASP A 363 -15.87 12.01 -6.31
CA ASP A 363 -15.45 12.30 -4.94
C ASP A 363 -14.66 11.18 -4.31
N GLU A 364 -15.02 9.92 -4.59
CA GLU A 364 -14.32 8.89 -3.84
C GLU A 364 -12.85 8.81 -4.23
N TYR A 365 -12.48 9.36 -5.39
CA TYR A 365 -11.06 9.43 -5.79
C TYR A 365 -10.31 10.61 -5.25
N LEU A 366 -10.98 11.59 -4.66
CA LEU A 366 -10.29 12.83 -4.32
C LEU A 366 -9.60 12.75 -2.96
N ILE A 367 -8.40 13.32 -2.88
CA ILE A 367 -7.70 13.43 -1.61
C ILE A 367 -7.52 14.91 -1.22
N VAL A 368 -7.01 15.67 -2.18
CA VAL A 368 -6.82 17.11 -2.06
C VAL A 368 -7.41 17.80 -3.30
N GLN A 369 -8.21 18.85 -3.07
CA GLN A 369 -8.63 19.72 -4.12
C GLN A 369 -9.01 21.12 -3.64
N GLY A 370 -8.53 22.12 -4.37
CA GLY A 370 -8.79 23.52 -4.15
C GLY A 370 -8.48 24.01 -2.75
N GLY A 371 -7.24 23.80 -2.30
CA GLY A 371 -6.82 24.39 -1.05
C GLY A 371 -7.22 23.66 0.20
N GLY A 372 -7.87 22.49 0.07
CA GLY A 372 -8.01 21.65 1.25
C GLY A 372 -8.24 20.19 0.98
N LEU A 373 -8.25 19.40 2.04
CA LEU A 373 -8.66 18.02 1.95
C LEU A 373 -10.01 18.00 1.24
N ALA A 374 -10.31 16.88 0.59
CA ALA A 374 -11.58 16.70 -0.12
C ALA A 374 -11.86 15.21 -0.17
N GLY A 375 -13.10 14.85 -0.51
CA GLY A 375 -13.52 13.46 -0.69
C GLY A 375 -13.04 12.49 0.37
N VAL A 376 -12.62 11.31 -0.06
CA VAL A 376 -11.98 10.39 0.85
C VAL A 376 -10.88 11.02 1.73
N GLY A 377 -10.19 12.03 1.22
CA GLY A 377 -9.08 12.63 1.96
C GLY A 377 -9.48 13.21 3.30
N ALA A 378 -10.64 13.91 3.30
CA ALA A 378 -11.23 14.52 4.51
C ALA A 378 -11.53 13.53 5.65
N HIS A 379 -11.91 12.29 5.34
CA HIS A 379 -12.26 11.34 6.39
C HIS A 379 -11.06 10.54 6.88
N SER A 380 -9.93 10.66 6.19
CA SER A 380 -8.87 9.71 6.42
C SER A 380 -7.53 10.30 6.82
N TYR A 381 -7.21 11.47 6.26
CA TYR A 381 -5.90 12.13 6.41
C TYR A 381 -5.99 13.40 7.21
N SER A 382 -4.90 13.70 7.91
CA SER A 382 -4.64 15.02 8.51
C SER A 382 -3.71 15.80 7.57
N LYS A 383 -3.76 17.12 7.67
CA LYS A 383 -2.87 17.99 6.93
C LYS A 383 -1.52 17.68 7.50
N GLY A 384 -0.50 17.64 6.67
CA GLY A 384 0.81 17.29 7.18
C GLY A 384 1.66 16.59 6.15
N ASN A 385 2.91 16.36 6.50
CA ASN A 385 3.95 15.88 5.60
C ASN A 385 4.55 14.58 6.19
N ALA A 386 4.54 13.48 5.40
CA ALA A 386 5.06 12.21 5.88
C ALA A 386 6.35 11.82 5.16
N THR A 387 6.89 12.76 4.37
CA THR A 387 7.85 12.37 3.32
C THR A 387 9.30 12.62 3.68
N GLY A 388 9.52 13.12 4.92
CA GLY A 388 10.82 13.31 5.50
C GLY A 388 11.56 11.99 5.60
N GLY A 389 12.80 11.98 5.11
CA GLY A 389 13.63 10.79 5.12
C GLY A 389 13.57 10.07 3.78
N SER A 390 12.72 10.56 2.89
CA SER A 390 12.44 9.83 1.69
C SER A 390 13.67 9.73 0.75
N GLU A 391 14.57 10.71 0.83
CA GLU A 391 15.84 10.78 0.08
C GLU A 391 16.74 9.51 0.16
N GLU A 392 16.65 8.84 1.30
CA GLU A 392 17.39 7.63 1.51
C GLU A 392 17.08 6.53 0.44
N ALA A 393 15.94 6.64 -0.25
CA ALA A 393 15.63 5.65 -1.30
C ALA A 393 16.71 5.70 -2.39
N ALA A 394 17.45 6.81 -2.48
CA ALA A 394 18.43 6.91 -3.55
C ALA A 394 19.59 5.95 -3.28
N LYS A 395 19.78 5.51 -2.03
CA LYS A 395 20.83 4.53 -1.72
C LYS A 395 20.60 3.11 -2.31
N TYR A 396 19.39 2.80 -2.82
CA TYR A 396 19.14 1.43 -3.30
C TYR A 396 19.80 1.12 -4.64
N GLU A 397 20.48 0.00 -4.77
CA GLU A 397 21.05 -0.34 -6.08
C GLU A 397 20.36 -1.56 -6.65
N LYS A 398 19.93 -1.53 -7.91
CA LYS A 398 19.44 -2.73 -8.55
C LYS A 398 20.47 -3.86 -8.42
N LEU A 399 20.04 -5.11 -8.25
CA LEU A 399 20.96 -6.27 -8.18
C LEU A 399 21.69 -6.55 -9.51
#